data_9IQM
#
_entry.id   9IQM
#
_cell.length_a   38.617
_cell.length_b   99.719
_cell.length_c   58.859
_cell.angle_alpha   90.000
_cell.angle_beta   90.000
_cell.angle_gamma   90.000
#
_symmetry.space_group_name_H-M   'C 2 2 21'
#
loop_
_entity.id
_entity.type
_entity.pdbx_description
1 polymer 'SnoaL-like domain-containing protein'
2 non-polymer (5~{R},6~{R})-6-[(~{E})-5-[(2~{S},3~{S},5~{S})-5-(2-hydroxyethyl)-3,5-dimethyl-oxolan-2-yl]-3-methyl-2-oxidanylidene-pent-3-enyl]-5-propyl-oxane-2,4-dione
3 non-polymer 'SULFATE ION'
4 water water
#
_entity_poly.entity_id   1
_entity_poly.type   'polypeptide(L)'
_entity_poly.pdbx_seq_one_letter_code
;MSAEVIDRFFKSSGAGDIETAVECFADDGQWITPDGDGLGTVHTKDQIGDLITSMNAMREKMIASGVDGKFESPIMFGEN
MGLVRWTVETDDGKVVNRGVDLFILSDGKIVLKDVYRKVKLAAALEHHHHHH
;
_entity_poly.pdbx_strand_id   A
#
loop_
_chem_comp.id
_chem_comp.type
_chem_comp.name
_chem_comp.formula
A1D90 non-polymer (5~{R},6~{R})-6-[(~{E})-5-[(2~{S},3~{S},5~{S})-5-(2-hydroxyethyl)-3,5-dimethyl-oxolan-2-yl]-3-methyl-2-oxidanylidene-pent-3-enyl]-5-propyl-oxane-2,4-dione 'C22 H34 O6'
SO4 non-polymer 'SULFATE ION' 'O4 S -2'
#
# COMPACT_ATOMS: atom_id res chain seq x y z
N SER A 2 -11.08 -13.38 -5.84
CA SER A 2 -10.14 -13.47 -6.95
C SER A 2 -8.90 -12.62 -6.69
N ALA A 3 -9.00 -11.76 -5.68
CA ALA A 3 -7.98 -10.77 -5.36
C ALA A 3 -7.66 -9.83 -6.52
N GLU A 4 -8.46 -9.86 -7.60
CA GLU A 4 -8.20 -8.95 -8.71
C GLU A 4 -8.24 -7.50 -8.27
N VAL A 5 -8.96 -7.17 -7.19
CA VAL A 5 -9.04 -5.77 -6.78
C VAL A 5 -7.69 -5.33 -6.21
N ILE A 6 -6.91 -6.24 -5.64
CA ILE A 6 -5.58 -5.86 -5.19
C ILE A 6 -4.71 -5.47 -6.38
N ASP A 7 -4.74 -6.27 -7.45
CA ASP A 7 -3.98 -5.91 -8.64
C ASP A 7 -4.48 -4.61 -9.24
N ARG A 8 -5.80 -4.44 -9.32
CA ARG A 8 -6.38 -3.18 -9.81
C ARG A 8 -5.88 -2.00 -8.97
N PHE A 9 -5.88 -2.15 -7.65
CA PHE A 9 -5.42 -1.06 -6.79
C PHE A 9 -3.96 -0.69 -7.06
N PHE A 10 -3.08 -1.69 -7.15
CA PHE A 10 -1.67 -1.38 -7.35
C PHE A 10 -1.42 -0.77 -8.73
N LYS A 11 -2.08 -1.30 -9.76
CA LYS A 11 -1.90 -0.77 -11.10
C LYS A 11 -2.36 0.68 -11.19
N SER A 12 -3.56 0.96 -10.69
CA SER A 12 -4.08 2.32 -10.79
C SER A 12 -3.31 3.27 -9.89
N SER A 13 -3.10 2.91 -8.63
CA SER A 13 -2.37 3.81 -7.74
C SER A 13 -0.98 4.09 -8.28
N GLY A 14 -0.29 3.05 -8.75
CA GLY A 14 1.06 3.23 -9.25
C GLY A 14 1.13 4.13 -10.46
N ALA A 15 0.09 4.11 -11.30
CA ALA A 15 0.02 4.94 -12.50
C ALA A 15 -0.58 6.31 -12.26
N GLY A 16 -0.93 6.64 -11.02
CA GLY A 16 -1.55 7.91 -10.73
C GLY A 16 -3.00 8.02 -11.15
N ASP A 17 -3.65 6.90 -11.48
CA ASP A 17 -5.08 6.85 -11.73
C ASP A 17 -5.79 6.80 -10.38
N ILE A 18 -5.88 7.99 -9.77
CA ILE A 18 -6.35 8.11 -8.39
C ILE A 18 -7.78 7.62 -8.26
N GLU A 19 -8.65 8.03 -9.20
CA GLU A 19 -10.07 7.74 -9.04
C GLU A 19 -10.32 6.23 -9.05
N THR A 20 -9.70 5.50 -9.98
CA THR A 20 -9.84 4.05 -9.98
C THR A 20 -9.33 3.45 -8.69
N ALA A 21 -8.17 3.94 -8.22
CA ALA A 21 -7.60 3.39 -7.01
C ALA A 21 -8.53 3.57 -5.83
N VAL A 22 -9.09 4.78 -5.70
CA VAL A 22 -10.01 5.04 -4.58
C VAL A 22 -11.22 4.12 -4.66
N GLU A 23 -11.73 3.89 -5.87
CA GLU A 23 -12.93 3.08 -6.01
C GLU A 23 -12.68 1.61 -5.74
N CYS A 24 -11.42 1.20 -5.52
CA CYS A 24 -11.15 -0.17 -5.13
C CYS A 24 -11.56 -0.43 -3.69
N PHE A 25 -11.76 0.63 -2.93
CA PHE A 25 -12.10 0.49 -1.52
C PHE A 25 -13.61 0.48 -1.31
N ALA A 26 -14.06 -0.32 -0.36
CA ALA A 26 -15.44 -0.26 0.12
C ALA A 26 -15.73 1.14 0.67
N ASP A 27 -17.01 1.53 0.66
CA ASP A 27 -17.32 2.86 1.16
C ASP A 27 -16.98 2.99 2.65
N ASP A 28 -16.96 1.88 3.38
CA ASP A 28 -16.51 1.86 4.76
C ASP A 28 -15.08 1.37 4.92
N GLY A 29 -14.32 1.29 3.84
CA GLY A 29 -12.98 0.75 3.94
C GLY A 29 -12.00 1.74 4.51
N GLN A 30 -10.85 1.21 4.94
CA GLN A 30 -9.85 2.02 5.61
C GLN A 30 -8.49 1.62 5.11
N TRP A 31 -7.62 2.60 5.01
CA TRP A 31 -6.21 2.40 4.73
C TRP A 31 -5.45 2.96 5.92
N ILE A 32 -4.77 2.10 6.65
CA ILE A 32 -4.08 2.49 7.88
C ILE A 32 -2.58 2.48 7.61
N THR A 33 -1.94 3.64 7.77
CA THR A 33 -0.52 3.77 7.44
C THR A 33 0.31 3.09 8.51
N PRO A 34 1.60 2.87 8.23
CA PRO A 34 2.44 2.16 9.19
C PRO A 34 2.98 3.01 10.31
N ASP A 35 2.76 4.33 10.29
CA ASP A 35 3.42 5.20 11.25
C ASP A 35 2.37 5.78 12.18
N GLY A 36 1.98 7.05 12.03
CA GLY A 36 0.90 7.60 12.83
C GLY A 36 1.17 7.63 14.33
N ASP A 37 2.36 8.08 14.75
CA ASP A 37 2.65 8.28 16.16
C ASP A 37 2.56 6.97 16.94
N GLY A 38 2.87 5.86 16.29
CA GLY A 38 2.83 4.59 16.96
C GLY A 38 1.48 3.90 16.94
N LEU A 39 0.47 4.51 16.33
CA LEU A 39 -0.86 3.92 16.30
C LEU A 39 -1.36 3.66 14.89
N GLY A 40 -0.68 4.15 13.87
CA GLY A 40 -1.17 4.09 12.51
C GLY A 40 -2.13 5.24 12.28
N THR A 41 -2.16 5.76 11.06
CA THR A 41 -3.08 6.84 10.71
C THR A 41 -4.18 6.22 9.86
N VAL A 42 -5.41 6.32 10.33
CA VAL A 42 -6.56 5.76 9.62
C VAL A 42 -7.03 6.76 8.58
N HIS A 43 -7.09 6.33 7.33
CA HIS A 43 -7.64 7.12 6.23
C HIS A 43 -8.90 6.43 5.73
N THR A 44 -10.01 7.16 5.74
CA THR A 44 -11.23 6.65 5.14
C THR A 44 -11.20 6.89 3.64
N LYS A 45 -12.22 6.38 2.95
CA LYS A 45 -12.17 6.35 1.49
C LYS A 45 -12.07 7.74 0.91
N ASP A 46 -12.68 8.74 1.55
CA ASP A 46 -12.63 10.10 1.03
C ASP A 46 -11.27 10.76 1.26
N GLN A 47 -10.36 10.10 1.96
CA GLN A 47 -9.03 10.63 2.19
C GLN A 47 -7.96 9.88 1.42
N ILE A 48 -8.30 8.79 0.74
CA ILE A 48 -7.30 7.91 0.14
C ILE A 48 -6.72 8.52 -1.12
N GLY A 49 -7.51 9.27 -1.88
CA GLY A 49 -6.96 9.89 -3.08
C GLY A 49 -5.80 10.82 -2.76
N ASP A 50 -5.97 11.65 -1.74
CA ASP A 50 -4.87 12.56 -1.36
C ASP A 50 -3.65 11.79 -0.87
N LEU A 51 -3.85 10.65 -0.22
CA LEU A 51 -2.72 9.86 0.25
C LEU A 51 -1.94 9.28 -0.92
N ILE A 52 -2.63 8.77 -1.93
CA ILE A 52 -1.94 8.21 -3.07
C ILE A 52 -1.15 9.30 -3.78
N THR A 53 -1.78 10.46 -4.00
CA THR A 53 -1.08 11.55 -4.66
C THR A 53 0.20 11.91 -3.94
N SER A 54 0.14 12.08 -2.62
CA SER A 54 1.33 12.43 -1.86
C SER A 54 2.37 11.31 -1.90
N MET A 55 1.93 10.06 -1.78
CA MET A 55 2.88 8.95 -1.78
C MET A 55 3.57 8.82 -3.13
N ASN A 56 2.83 9.00 -4.23
CA ASN A 56 3.48 8.96 -5.54
C ASN A 56 4.49 10.09 -5.70
N ALA A 57 4.19 11.28 -5.19
CA ALA A 57 5.12 12.41 -5.30
C ALA A 57 6.44 12.08 -4.63
N MET A 58 6.37 11.40 -3.49
CA MET A 58 7.57 11.03 -2.76
C MET A 58 8.27 9.83 -3.32
N ARG A 59 7.51 8.85 -3.81
CA ARG A 59 8.13 7.77 -4.58
C ARG A 59 8.98 8.36 -5.70
N GLU A 60 8.47 9.40 -6.36
CA GLU A 60 9.27 10.01 -7.42
C GLU A 60 10.58 10.56 -6.88
N LYS A 61 10.52 11.26 -5.74
CA LYS A 61 11.73 11.78 -5.12
C LYS A 61 12.66 10.66 -4.68
N MET A 62 12.10 9.60 -4.07
CA MET A 62 12.93 8.45 -3.70
C MET A 62 13.66 7.87 -4.90
N ILE A 63 12.92 7.62 -5.99
CA ILE A 63 13.53 7.05 -7.17
C ILE A 63 14.70 7.90 -7.63
N ALA A 64 14.51 9.23 -7.63
CA ALA A 64 15.59 10.13 -8.02
C ALA A 64 16.75 10.08 -7.03
N SER A 65 16.46 9.75 -5.76
CA SER A 65 17.49 9.60 -4.73
C SER A 65 18.16 8.23 -4.75
N GLY A 66 17.66 7.30 -5.56
CA GLY A 66 18.27 6.00 -5.72
C GLY A 66 17.65 4.87 -4.93
N VAL A 67 16.39 5.00 -4.51
CA VAL A 67 15.71 3.98 -3.72
C VAL A 67 14.27 3.87 -4.20
N ASP A 68 13.75 2.65 -4.25
CA ASP A 68 12.37 2.46 -4.66
C ASP A 68 11.79 1.27 -3.90
N GLY A 69 10.47 1.14 -3.99
CA GLY A 69 9.80 0.01 -3.39
C GLY A 69 9.63 -1.10 -4.40
N LYS A 70 9.59 -2.32 -3.89
CA LYS A 70 9.37 -3.51 -4.69
C LYS A 70 8.32 -4.35 -3.96
N PHE A 71 7.26 -4.74 -4.65
CA PHE A 71 6.15 -5.46 -4.04
C PHE A 71 6.09 -6.87 -4.62
N GLU A 72 5.83 -7.85 -3.76
CA GLU A 72 5.64 -9.23 -4.19
C GLU A 72 4.16 -9.46 -4.53
N SER A 73 3.90 -10.49 -5.34
CA SER A 73 2.51 -10.85 -5.61
C SER A 73 1.84 -11.25 -4.30
N PRO A 74 0.53 -11.04 -4.17
CA PRO A 74 -0.14 -11.31 -2.89
C PRO A 74 -0.18 -12.79 -2.56
N ILE A 75 0.05 -13.08 -1.29
CA ILE A 75 -0.18 -14.41 -0.75
C ILE A 75 -1.58 -14.38 -0.17
N MET A 76 -2.49 -15.15 -0.77
CA MET A 76 -3.87 -15.23 -0.32
C MET A 76 -4.07 -16.27 0.76
N PHE A 77 -4.77 -15.88 1.82
CA PHE A 77 -5.09 -16.84 2.87
C PHE A 77 -6.58 -17.10 2.95
N GLY A 78 -7.40 -16.07 3.15
CA GLY A 78 -8.79 -16.41 3.33
C GLY A 78 -9.66 -16.48 2.09
N GLU A 79 -9.08 -16.32 0.89
CA GLU A 79 -9.87 -15.91 -0.27
C GLU A 79 -10.24 -14.43 -0.11
N ASN A 80 -10.38 -13.99 1.14
CA ASN A 80 -10.71 -12.61 1.49
C ASN A 80 -9.53 -11.88 2.12
N MET A 81 -8.36 -12.47 2.14
CA MET A 81 -7.22 -11.88 2.83
C MET A 81 -5.98 -12.08 2.00
N GLY A 82 -5.25 -11.01 1.75
CA GLY A 82 -4.04 -11.06 0.96
C GLY A 82 -2.91 -10.35 1.65
N LEU A 83 -1.74 -10.95 1.69
CA LEU A 83 -0.56 -10.36 2.31
C LEU A 83 0.40 -10.02 1.18
N VAL A 84 0.72 -8.72 1.03
CA VAL A 84 1.67 -8.25 0.03
C VAL A 84 2.92 -7.83 0.77
N ARG A 85 4.00 -8.59 0.60
CA ARG A 85 5.28 -8.21 1.18
C ARG A 85 5.96 -7.18 0.30
N TRP A 86 6.71 -6.28 0.92
CA TRP A 86 7.42 -5.29 0.13
C TRP A 86 8.77 -4.99 0.75
N THR A 87 9.64 -4.38 -0.07
CA THR A 87 10.93 -3.91 0.39
C THR A 87 11.12 -2.49 -0.13
N VAL A 88 11.93 -1.72 0.58
CA VAL A 88 12.57 -0.55 0.03
C VAL A 88 14.02 -0.92 -0.24
N GLU A 89 14.49 -0.70 -1.46
CA GLU A 89 15.85 -1.12 -1.75
C GLU A 89 16.52 -0.15 -2.69
N THR A 90 17.85 -0.22 -2.69
CA THR A 90 18.65 0.58 -3.61
C THR A 90 18.69 -0.05 -4.99
N ASP A 91 19.28 0.68 -5.94
CA ASP A 91 19.38 0.18 -7.31
C ASP A 91 20.08 -1.16 -7.37
N ASP A 92 21.17 -1.32 -6.63
CA ASP A 92 21.93 -2.56 -6.65
C ASP A 92 21.36 -3.62 -5.69
N GLY A 93 20.13 -3.45 -5.23
CA GLY A 93 19.44 -4.48 -4.50
C GLY A 93 19.64 -4.50 -3.01
N LYS A 94 20.33 -3.52 -2.44
CA LYS A 94 20.46 -3.47 -0.98
C LYS A 94 19.12 -3.14 -0.35
N VAL A 95 18.61 -4.05 0.47
CA VAL A 95 17.31 -3.84 1.13
C VAL A 95 17.54 -2.99 2.38
N VAL A 96 16.84 -1.85 2.46
CA VAL A 96 16.99 -0.97 3.62
C VAL A 96 15.76 -0.98 4.55
N ASN A 97 14.62 -1.48 4.08
CA ASN A 97 13.39 -1.56 4.87
C ASN A 97 12.52 -2.64 4.25
N ARG A 98 11.77 -3.33 5.08
CA ARG A 98 10.78 -4.25 4.56
C ARG A 98 9.53 -4.17 5.40
N GLY A 99 8.43 -4.61 4.83
CA GLY A 99 7.19 -4.53 5.55
C GLY A 99 6.14 -5.33 4.84
N VAL A 100 4.89 -5.11 5.25
CA VAL A 100 3.78 -5.88 4.68
C VAL A 100 2.57 -4.96 4.52
N ASP A 101 1.77 -5.25 3.51
CA ASP A 101 0.41 -4.72 3.35
C ASP A 101 -0.55 -5.87 3.58
N LEU A 102 -1.42 -5.73 4.55
CA LEU A 102 -2.49 -6.69 4.76
C LEU A 102 -3.75 -6.16 4.08
N PHE A 103 -4.31 -6.93 3.14
CA PHE A 103 -5.56 -6.55 2.48
C PHE A 103 -6.66 -7.45 3.01
N ILE A 104 -7.73 -6.85 3.52
CA ILE A 104 -8.97 -7.56 3.82
C ILE A 104 -9.97 -7.17 2.74
N LEU A 105 -10.56 -8.17 2.10
CA LEU A 105 -11.45 -7.94 0.97
C LEU A 105 -12.84 -8.40 1.33
N SER A 106 -13.83 -7.75 0.74
CA SER A 106 -15.21 -8.22 0.83
C SER A 106 -15.95 -7.73 -0.40
N ASP A 107 -16.52 -8.69 -1.15
CA ASP A 107 -17.40 -8.37 -2.27
C ASP A 107 -16.64 -7.67 -3.39
N GLY A 108 -15.39 -8.05 -3.60
CA GLY A 108 -14.58 -7.43 -4.64
C GLY A 108 -14.03 -6.08 -4.31
N LYS A 109 -14.15 -5.61 -3.06
CA LYS A 109 -13.62 -4.31 -2.65
C LYS A 109 -12.70 -4.49 -1.45
N ILE A 110 -11.82 -3.52 -1.27
CA ILE A 110 -10.90 -3.51 -0.13
C ILE A 110 -11.63 -2.91 1.06
N VAL A 111 -11.74 -3.70 2.13
CA VAL A 111 -12.29 -3.15 3.38
C VAL A 111 -11.18 -2.65 4.29
N LEU A 112 -10.00 -3.26 4.24
CA LEU A 112 -8.88 -2.77 5.03
C LEU A 112 -7.59 -2.96 4.26
N LYS A 113 -6.78 -1.91 4.18
CA LYS A 113 -5.38 -2.00 3.80
C LYS A 113 -4.58 -1.55 5.01
N ASP A 114 -3.95 -2.51 5.69
CA ASP A 114 -3.26 -2.23 6.96
C ASP A 114 -1.76 -2.44 6.73
N VAL A 115 -0.98 -1.37 6.80
CA VAL A 115 0.41 -1.38 6.38
C VAL A 115 1.33 -1.35 7.58
N TYR A 116 2.37 -2.20 7.55
CA TYR A 116 3.37 -2.25 8.61
C TYR A 116 4.77 -2.25 8.02
N ARG A 117 5.69 -1.62 8.72
CA ARG A 117 7.10 -1.67 8.34
C ARG A 117 7.89 -2.18 9.53
N LYS A 118 8.99 -2.87 9.26
CA LYS A 118 9.94 -3.12 10.33
C LYS A 118 10.59 -1.80 10.76
N VAL A 119 10.90 -1.72 12.04
CA VAL A 119 11.29 -0.48 12.72
C VAL A 119 12.80 -0.38 12.78
N LYS A 120 13.33 0.77 12.41
CA LYS A 120 14.73 1.10 12.63
C LYS A 120 14.80 1.91 13.92
N LEU A 121 15.50 1.38 14.92
CA LEU A 121 15.57 2.02 16.23
C LEU A 121 16.84 2.84 16.39
N ALA A 122 16.82 3.71 17.40
CA ALA A 122 17.96 4.56 17.79
C ALA A 122 17.95 5.88 17.01
C01 A1D90 B . 7.45 5.91 1.79
C02 A1D90 B . 6.37 6.17 2.81
C03 A1D90 B . 5.13 6.94 2.32
C05 A1D90 B . 8.92 6.26 2.18
C06 A1D90 B . 7.18 6.71 0.47
C08 A1D90 B . 5.47 8.08 1.45
C10 A1D90 B . 9.10 7.76 2.45
C11 A1D90 B . 10.01 8.44 1.37
C12 A1D90 B . 6.73 3.93 -2.18
C13 A1D90 B . 5.44 3.96 -2.40
C14 A1D90 B . 7.78 3.29 -2.85
C15 A1D90 B . 4.93 3.18 -3.54
C16 A1D90 B . 7.25 4.65 -1.02
C18 A1D90 B . 6.40 5.76 -0.46
C20 A1D90 B . 3.68 3.61 -4.23
C21 A1D90 B . 3.17 2.72 -5.37
C22 A1D90 B . 1.66 3.14 -5.42
C23 A1D90 B . 1.30 3.38 -3.89
C24 A1D90 B . 3.28 1.24 -5.14
C25 A1D90 B . 0.50 4.68 -3.64
C26 A1D90 B . 0.59 2.13 -3.33
C27 A1D90 B . 0.78 1.89 -1.80
O04 A1D90 B . 6.52 5.71 3.93
O07 A1D90 B . 6.58 7.94 0.60
O09 A1D90 B . 4.82 9.13 1.37
O17 A1D90 B . 8.29 4.22 -0.50
O19 A1D90 B . 2.56 3.64 -3.26
O28 A1D90 B . 2.01 1.50 -1.47
H011 A1D90 B . 7.39 4.96 1.65
H031 A1D90 B . 4.61 7.29 3.07
H032 A1D90 B . 4.53 6.36 1.82
H052 A1D90 B . 9.53 5.97 1.49
H051 A1D90 B . 9.20 5.75 2.95
H061 A1D90 B . 8.01 6.98 0.06
H101 A1D90 B . 8.23 8.19 2.49
H102 A1D90 B . 9.47 7.89 3.34
H111 A1D90 B . 9.53 8.60 0.54
H113 A1D90 B . 10.78 7.89 1.15
H112 A1D90 B . 10.35 9.29 1.66
H131 A1D90 B . 4.84 4.45 -1.88
H143 A1D90 B . 8.07 2.51 -2.35
H142 A1D90 B . 8.54 3.90 -2.93
H141 A1D90 B . 7.50 3.02 -3.73
H152 A1D90 B . 4.81 2.28 -3.21
H151 A1D90 B . 5.65 3.17 -4.19
H181 A1D90 B . 6.00 6.25 -1.19
H182 A1D90 B . 5.64 5.38 0.01
H201 A1D90 B . 3.84 4.49 -4.61
H211 A1D90 B . 3.66 2.92 -6.19
H222 A1D90 B . 1.11 2.46 -5.83
H221 A1D90 B . 1.52 3.92 -5.97
H242 A1D90 B . 4.13 0.87 -5.46
H243 A1D90 B . 2.60 0.73 -5.60
H241 A1D90 B . 3.22 0.99 -4.21
H251 A1D90 B . 0.86 5.42 -4.17
H253 A1D90 B . 0.53 4.94 -2.72
H252 A1D90 B . -0.43 4.58 -3.88
H261 A1D90 B . 0.89 1.34 -3.81
H262 A1D90 B . -0.37 2.16 -3.52
H271 A1D90 B . 0.17 1.23 -1.42
H272 A1D90 B . 0.60 2.69 -1.27
S SO4 C . 1.65 9.20 8.86
O1 SO4 C . 2.32 9.98 7.83
O2 SO4 C . 0.32 9.75 9.10
O3 SO4 C . 1.56 7.80 8.42
O4 SO4 C . 2.41 9.26 10.12
#